data_9HD4
#
_entry.id   9HD4
#
_cell.length_a   64.210
_cell.length_b   83.720
_cell.length_c   158.880
_cell.angle_alpha   90.000
_cell.angle_beta   90.000
_cell.angle_gamma   90.000
#
_symmetry.space_group_name_H-M   'C 2 2 21'
#
loop_
_entity.id
_entity.type
_entity.pdbx_description
1 polymer 'Fucose-binding lectin PA-IIL'
2 non-polymer ~{N}-[[(2~{R},3~{S},4~{R},5~{S},6~{S})-6-methyl-3,4,5-tris(oxidanyl)oxan-2-yl]methyl]-4-[(~{Z})-phenyldiazenyl]benzenesulfonamide
3 non-polymer 'CALCIUM ION'
4 water water
#
_entity_poly.entity_id   1
_entity_poly.type   'polypeptide(L)'
_entity_poly.pdbx_seq_one_letter_code
;ATQGVFTLPANTQFGVTAFANSAGTQTVNVQVNNETVATFTGQSTNNAIIGSKVLNSGGGGKVQILVSVNGRSSDLVSAQ
VILANELNFALVGSEDSTDNDYNDAVVVINWPLG
;
_entity_poly.pdbx_strand_id   A,B,C,D
#
loop_
_chem_comp.id
_chem_comp.type
_chem_comp.name
_chem_comp.formula
A1IT5 non-polymer ~{N}-[[(2~{R},3~{S},4~{R},5~{S},6~{S})-6-methyl-3,4,5-tris(oxidanyl)oxan-2-yl]methyl]-4-[(~{Z})-phenyldiazenyl]benzenesulfonamide 'C19 H23 N3 O6 S'
CA non-polymer 'CALCIUM ION' 'Ca 2'
#
# COMPACT_ATOMS: atom_id res chain seq x y z
N ALA A 1 -8.05 8.35 11.79
CA ALA A 1 -8.87 9.55 12.03
C ALA A 1 -8.32 10.67 11.14
N THR A 2 -6.98 10.86 11.22
CA THR A 2 -6.26 11.80 10.38
C THR A 2 -6.16 11.21 8.98
N GLN A 3 -6.59 12.00 7.98
CA GLN A 3 -6.34 11.69 6.58
C GLN A 3 -5.65 12.88 5.91
N GLY A 4 -4.70 12.56 5.02
CA GLY A 4 -3.98 13.56 4.24
C GLY A 4 -2.90 14.26 5.06
N VAL A 5 -2.50 13.65 6.19
CA VAL A 5 -1.36 14.16 6.97
C VAL A 5 -0.29 13.04 7.04
N PHE A 6 0.95 13.41 6.72
CA PHE A 6 2.06 12.47 6.67
C PHE A 6 3.29 13.03 7.40
N THR A 7 3.97 12.14 8.12
CA THR A 7 5.22 12.47 8.77
C THR A 7 6.35 11.96 7.89
N LEU A 8 7.05 12.91 7.30
CA LEU A 8 8.23 12.63 6.48
C LEU A 8 9.46 12.71 7.39
N PRO A 9 10.60 12.12 6.94
CA PRO A 9 11.87 12.34 7.60
C PRO A 9 12.15 13.84 7.52
N ALA A 10 12.80 14.39 8.55
CA ALA A 10 13.09 15.81 8.60
C ALA A 10 13.99 16.23 7.43
N ASN A 11 13.80 17.48 6.99
CA ASN A 11 14.66 18.16 6.00
C ASN A 11 14.84 17.30 4.76
N THR A 12 13.73 16.72 4.26
CA THR A 12 13.79 15.86 3.10
C THR A 12 13.10 16.55 1.93
N GLN A 13 13.76 16.60 0.77
CA GLN A 13 13.15 17.06 -0.45
C GLN A 13 12.13 16.00 -0.90
N PHE A 14 10.95 16.48 -1.27
CA PHE A 14 9.96 15.56 -1.77
C PHE A 14 9.24 16.20 -2.95
N GLY A 15 8.63 15.30 -3.76
CA GLY A 15 7.80 15.78 -4.87
C GLY A 15 6.33 15.66 -4.47
N VAL A 16 5.53 16.63 -4.97
CA VAL A 16 4.10 16.64 -4.76
C VAL A 16 3.47 16.99 -6.10
N THR A 17 2.50 16.15 -6.53
CA THR A 17 1.86 16.22 -7.83
C THR A 17 0.36 16.05 -7.63
N ALA A 18 -0.44 16.95 -8.25
CA ALA A 18 -1.88 16.87 -8.16
C ALA A 18 -2.49 16.69 -9.55
N PHE A 19 -3.45 15.76 -9.58
CA PHE A 19 -4.26 15.42 -10.74
C PHE A 19 -5.70 15.84 -10.50
N ALA A 20 -6.41 16.26 -11.56
CA ALA A 20 -7.81 16.65 -11.42
C ALA A 20 -8.72 15.73 -12.28
N ASN A 21 -9.86 15.32 -11.72
CA ASN A 21 -10.87 14.49 -12.42
C ASN A 21 -12.23 14.86 -11.89
N SER A 22 -12.70 16.08 -12.23
CA SER A 22 -13.97 16.57 -11.77
C SER A 22 -14.41 17.74 -12.64
N ALA A 23 -15.73 17.98 -12.68
CA ALA A 23 -16.26 19.19 -13.30
C ALA A 23 -15.90 20.41 -12.48
N GLY A 24 -15.62 20.20 -11.19
CA GLY A 24 -15.33 21.27 -10.22
C GLY A 24 -13.86 21.66 -10.25
N THR A 25 -13.59 22.97 -10.27
CA THR A 25 -12.24 23.50 -10.11
C THR A 25 -11.69 23.14 -8.73
N GLN A 26 -10.56 22.42 -8.73
CA GLN A 26 -9.94 21.92 -7.51
C GLN A 26 -8.95 22.95 -6.99
N THR A 27 -8.92 23.12 -5.66
CA THR A 27 -7.86 23.90 -5.03
C THR A 27 -7.15 22.97 -4.04
N VAL A 28 -5.86 22.76 -4.24
CA VAL A 28 -5.07 21.85 -3.42
C VAL A 28 -4.05 22.70 -2.68
N ASN A 29 -4.10 22.66 -1.35
N ASN A 29 -4.11 22.67 -1.35
CA ASN A 29 -3.17 23.38 -0.49
CA ASN A 29 -3.15 23.37 -0.52
C ASN A 29 -2.20 22.36 0.11
C ASN A 29 -2.19 22.35 0.11
N VAL A 30 -0.89 22.65 0.02
CA VAL A 30 0.18 21.84 0.62
C VAL A 30 0.71 22.64 1.83
N GLN A 31 0.53 22.10 3.03
CA GLN A 31 1.08 22.73 4.23
C GLN A 31 2.25 21.88 4.74
N VAL A 32 3.36 22.58 5.04
CA VAL A 32 4.48 21.93 5.64
C VAL A 32 4.67 22.56 7.02
N ASN A 33 4.60 21.73 8.06
CA ASN A 33 4.74 22.24 9.41
C ASN A 33 3.77 23.40 9.62
N ASN A 34 2.54 23.19 9.13
CA ASN A 34 1.37 24.03 9.39
C ASN A 34 1.42 25.36 8.62
N GLU A 35 2.29 25.49 7.62
CA GLU A 35 2.35 26.68 6.78
C GLU A 35 2.07 26.29 5.34
N THR A 36 1.23 27.06 4.64
CA THR A 36 0.97 26.80 3.23
C THR A 36 2.21 27.17 2.42
N VAL A 37 2.76 26.17 1.71
CA VAL A 37 3.95 26.35 0.85
C VAL A 37 3.65 26.21 -0.66
N ALA A 38 2.49 25.67 -1.01
CA ALA A 38 2.12 25.51 -2.41
C ALA A 38 0.60 25.43 -2.49
N THR A 39 0.05 26.00 -3.57
CA THR A 39 -1.35 25.92 -3.87
C THR A 39 -1.46 25.59 -5.36
N PHE A 40 -2.24 24.54 -5.66
CA PHE A 40 -2.50 24.15 -7.04
C PHE A 40 -3.98 24.34 -7.31
N THR A 41 -4.28 25.01 -8.41
CA THR A 41 -5.65 25.25 -8.80
C THR A 41 -5.85 24.83 -10.26
N GLY A 42 -6.95 24.15 -10.54
CA GLY A 42 -7.24 23.87 -11.93
C GLY A 42 -8.42 22.93 -12.12
N GLN A 43 -8.91 22.84 -13.36
CA GLN A 43 -10.10 22.03 -13.62
C GLN A 43 -9.83 21.14 -14.82
N SER A 44 -10.09 19.83 -14.58
CA SER A 44 -9.98 18.84 -15.65
C SER A 44 -10.88 17.67 -15.31
N THR A 45 -11.54 17.04 -16.31
CA THR A 45 -12.12 15.74 -16.07
C THR A 45 -11.24 14.63 -16.69
N ASN A 46 -9.97 14.90 -17.04
CA ASN A 46 -9.16 13.93 -17.77
C ASN A 46 -7.75 13.85 -17.21
N ASN A 47 -7.65 13.96 -15.89
CA ASN A 47 -6.46 13.60 -15.14
C ASN A 47 -5.32 14.57 -15.43
N ALA A 48 -5.64 15.83 -15.73
CA ALA A 48 -4.59 16.80 -15.97
C ALA A 48 -3.80 17.01 -14.68
N ILE A 49 -2.50 17.25 -14.84
CA ILE A 49 -1.64 17.58 -13.70
C ILE A 49 -1.69 19.10 -13.50
N ILE A 50 -2.37 19.51 -12.43
CA ILE A 50 -2.60 20.94 -12.15
C ILE A 50 -1.45 21.54 -11.30
N GLY A 51 -0.48 20.70 -10.94
CA GLY A 51 0.72 21.16 -10.29
C GLY A 51 1.68 20.01 -10.01
N SER A 52 2.99 20.30 -10.04
CA SER A 52 4.03 19.37 -9.60
C SER A 52 5.24 20.22 -9.16
N LYS A 53 5.56 20.11 -7.88
CA LYS A 53 6.59 20.91 -7.24
CA LYS A 53 6.58 20.89 -7.25
C LYS A 53 7.48 20.00 -6.37
N VAL A 54 8.71 20.50 -6.13
CA VAL A 54 9.61 19.93 -5.15
C VAL A 54 9.63 20.87 -3.95
N LEU A 55 9.39 20.30 -2.76
CA LEU A 55 9.35 21.01 -1.50
C LEU A 55 10.30 20.30 -0.51
N ASN A 56 10.47 20.95 0.65
CA ASN A 56 11.31 20.46 1.74
C ASN A 56 10.42 20.25 2.97
N SER A 57 10.54 19.07 3.60
CA SER A 57 9.71 18.71 4.74
C SER A 57 10.05 19.48 6.04
N GLY A 58 11.20 20.19 6.05
CA GLY A 58 11.58 21.02 7.19
C GLY A 58 11.90 20.25 8.46
N GLY A 59 12.01 20.99 9.56
CA GLY A 59 12.43 20.39 10.82
C GLY A 59 11.43 19.38 11.38
N GLY A 60 10.13 19.67 11.26
CA GLY A 60 9.08 18.84 11.83
C GLY A 60 8.63 17.69 10.93
N GLY A 61 8.97 17.72 9.68
CA GLY A 61 8.57 16.71 8.68
C GLY A 61 7.08 16.57 8.47
N LYS A 62 6.27 17.51 8.97
CA LYS A 62 4.81 17.37 8.82
C LYS A 62 4.32 17.94 7.49
N VAL A 63 3.61 17.07 6.71
CA VAL A 63 3.08 17.48 5.44
C VAL A 63 1.60 17.17 5.44
N GLN A 64 0.80 18.24 5.19
CA GLN A 64 -0.63 18.04 5.11
C GLN A 64 -1.18 18.54 3.77
N ILE A 65 -2.07 17.71 3.17
CA ILE A 65 -2.81 18.08 1.97
C ILE A 65 -4.24 18.47 2.32
N LEU A 66 -4.68 19.65 1.83
CA LEU A 66 -6.08 20.08 1.97
C LEU A 66 -6.64 20.29 0.56
N VAL A 67 -7.87 19.84 0.33
CA VAL A 67 -8.48 20.04 -0.96
C VAL A 67 -9.82 20.75 -0.76
N SER A 68 -10.15 21.70 -1.64
N SER A 68 -10.13 21.67 -1.67
CA SER A 68 -11.41 22.40 -1.56
CA SER A 68 -11.32 22.50 -1.58
C SER A 68 -11.91 22.64 -2.97
C SER A 68 -11.90 22.67 -2.99
N VAL A 69 -13.23 22.69 -3.11
CA VAL A 69 -13.89 22.99 -4.37
C VAL A 69 -14.92 24.08 -4.10
N ASN A 70 -14.75 25.24 -4.71
CA ASN A 70 -15.63 26.40 -4.52
C ASN A 70 -15.90 26.67 -3.05
N GLY A 71 -14.82 26.54 -2.27
CA GLY A 71 -14.79 26.90 -0.86
C GLY A 71 -15.21 25.80 0.13
N ARG A 72 -15.68 24.65 -0.38
N ARG A 72 -15.59 24.64 -0.40
CA ARG A 72 -16.09 23.50 0.43
CA ARG A 72 -16.62 23.51 -0.55
CA ARG A 72 -16.06 23.52 0.38
C ARG A 72 -14.93 22.52 0.50
C ARG A 72 -14.93 22.50 0.49
N SER A 73 -14.59 22.09 1.73
CA SER A 73 -13.57 21.06 1.92
C SER A 73 -14.05 19.73 1.36
N SER A 74 -13.16 19.06 0.64
CA SER A 74 -13.43 17.72 0.10
C SER A 74 -13.13 16.69 1.17
N ASP A 75 -13.83 15.56 1.12
CA ASP A 75 -13.56 14.40 1.97
C ASP A 75 -12.29 13.71 1.46
N LEU A 76 -11.35 13.39 2.37
CA LEU A 76 -10.11 12.80 1.91
C LEU A 76 -10.00 11.30 2.26
N VAL A 77 -9.19 10.60 1.45
CA VAL A 77 -8.71 9.28 1.81
C VAL A 77 -7.20 9.29 1.58
N SER A 78 -6.43 8.55 2.40
CA SER A 78 -5.00 8.55 2.18
C SER A 78 -4.35 7.28 2.71
N ALA A 79 -3.07 7.10 2.36
CA ALA A 79 -2.21 6.04 2.90
C ALA A 79 -0.79 6.38 2.50
N GLN A 80 0.17 5.69 3.14
CA GLN A 80 1.56 5.75 2.71
C GLN A 80 2.03 4.32 2.43
N VAL A 81 2.82 4.19 1.37
N VAL A 81 2.80 4.14 1.37
CA VAL A 81 3.38 2.92 0.92
CA VAL A 81 3.35 2.82 1.08
C VAL A 81 4.89 3.09 0.84
C VAL A 81 4.84 3.01 0.78
N ILE A 82 5.63 2.06 1.31
CA ILE A 82 7.06 2.06 1.14
C ILE A 82 7.45 0.79 0.42
N LEU A 83 8.22 0.94 -0.65
CA LEU A 83 8.81 -0.15 -1.42
C LEU A 83 10.30 -0.26 -1.18
N ALA A 84 10.78 -1.52 -1.05
CA ALA A 84 12.19 -1.83 -0.85
C ALA A 84 12.75 -1.04 0.34
N ASN A 85 11.90 -0.77 1.36
CA ASN A 85 12.35 -0.08 2.56
C ASN A 85 13.01 1.27 2.29
N GLU A 86 12.66 1.91 1.16
N GLU A 86 12.62 1.92 1.18
CA GLU A 86 13.40 3.11 0.74
CA GLU A 86 13.38 3.07 0.72
C GLU A 86 12.54 4.11 -0.05
C GLU A 86 12.49 4.10 0.00
N LEU A 87 11.67 3.59 -0.93
CA LEU A 87 10.94 4.41 -1.89
C LEU A 87 9.55 4.65 -1.32
N ASN A 88 9.20 5.94 -1.10
CA ASN A 88 8.01 6.30 -0.34
C ASN A 88 7.01 7.01 -1.23
N PHE A 89 5.75 6.58 -1.10
CA PHE A 89 4.61 7.25 -1.69
C PHE A 89 3.58 7.58 -0.61
N ALA A 90 3.21 8.88 -0.55
CA ALA A 90 2.10 9.30 0.29
C ALA A 90 0.99 9.69 -0.70
N LEU A 91 -0.19 9.11 -0.49
CA LEU A 91 -1.25 9.07 -1.51
C LEU A 91 -2.51 9.69 -0.91
N VAL A 92 -3.14 10.59 -1.67
CA VAL A 92 -4.40 11.24 -1.27
C VAL A 92 -5.39 11.20 -2.44
N GLY A 93 -6.59 10.71 -2.13
CA GLY A 93 -7.76 10.97 -2.96
C GLY A 93 -8.72 11.92 -2.28
N SER A 94 -9.65 12.49 -3.05
CA SER A 94 -10.58 13.49 -2.51
C SER A 94 -11.91 13.40 -3.24
N GLU A 95 -13.02 13.67 -2.52
CA GLU A 95 -14.37 13.56 -3.06
C GLU A 95 -15.08 14.90 -2.83
N ASP A 96 -15.55 15.50 -3.93
CA ASP A 96 -16.20 16.80 -3.89
C ASP A 96 -17.74 16.73 -3.99
N SER A 97 -18.31 15.52 -4.11
N SER A 97 -18.31 15.53 -4.19
CA SER A 97 -19.72 15.35 -4.47
CA SER A 97 -19.75 15.35 -4.42
C SER A 97 -20.20 14.01 -3.94
C SER A 97 -20.20 13.99 -3.91
N THR A 98 -21.07 13.33 -4.68
CA THR A 98 -21.84 12.21 -4.17
C THR A 98 -21.43 10.88 -4.79
N ASP A 99 -20.60 10.87 -5.86
CA ASP A 99 -20.42 9.62 -6.62
C ASP A 99 -19.36 8.75 -5.96
N ASN A 100 -18.55 9.34 -5.06
CA ASN A 100 -17.55 8.60 -4.27
C ASN A 100 -16.58 7.86 -5.19
N ASP A 101 -16.05 8.54 -6.20
CA ASP A 101 -14.91 8.02 -6.93
C ASP A 101 -13.58 8.43 -6.29
N TYR A 102 -13.60 9.43 -5.38
CA TYR A 102 -12.41 9.85 -4.61
C TYR A 102 -11.23 10.24 -5.50
N ASN A 103 -11.50 10.62 -6.77
CA ASN A 103 -10.45 10.95 -7.73
C ASN A 103 -10.48 12.44 -8.13
N ASP A 104 -11.35 13.25 -7.47
CA ASP A 104 -11.67 14.56 -7.94
C ASP A 104 -10.40 15.42 -7.96
N ALA A 105 -9.68 15.35 -6.83
CA ALA A 105 -8.26 15.67 -6.84
C ALA A 105 -7.52 14.46 -6.29
N VAL A 106 -6.44 14.05 -6.97
CA VAL A 106 -5.59 12.96 -6.52
C VAL A 106 -4.22 13.61 -6.31
N VAL A 107 -3.60 13.39 -5.14
CA VAL A 107 -2.29 13.94 -4.82
C VAL A 107 -1.33 12.79 -4.52
N VAL A 108 -0.17 12.84 -5.15
CA VAL A 108 0.90 11.85 -4.96
C VAL A 108 2.12 12.64 -4.44
N ILE A 109 2.59 12.20 -3.28
CA ILE A 109 3.84 12.73 -2.69
C ILE A 109 4.86 11.59 -2.81
N ASN A 110 6.09 11.91 -3.26
CA ASN A 110 7.11 10.87 -3.46
C ASN A 110 8.47 11.34 -2.94
N TRP A 111 9.18 10.40 -2.31
CA TRP A 111 10.54 10.67 -1.86
C TRP A 111 11.26 9.36 -1.70
N PRO A 112 12.60 9.31 -1.64
CA PRO A 112 13.51 10.43 -1.79
C PRO A 112 13.66 10.80 -3.25
N LEU A 113 14.23 12.00 -3.44
CA LEU A 113 14.52 12.56 -4.75
C LEU A 113 16.01 12.41 -5.05
N GLY A 114 16.41 12.68 -6.30
CA GLY A 114 17.82 12.83 -6.69
C GLY A 114 18.53 11.54 -7.10
N ALA B 1 8.08 -11.35 -15.77
CA ALA B 1 8.32 -10.35 -14.70
C ALA B 1 7.28 -10.50 -13.60
N THR B 2 7.76 -10.36 -12.38
CA THR B 2 6.93 -10.40 -11.20
C THR B 2 6.78 -8.99 -10.63
N GLN B 3 7.47 -7.99 -11.26
CA GLN B 3 7.26 -6.58 -10.87
C GLN B 3 6.92 -5.71 -12.08
N GLY B 4 6.09 -4.68 -11.83
CA GLY B 4 5.77 -3.72 -12.86
C GLY B 4 4.67 -4.18 -13.83
N VAL B 5 4.04 -5.31 -13.48
CA VAL B 5 2.90 -5.83 -14.24
C VAL B 5 1.67 -5.74 -13.36
N PHE B 6 0.60 -5.17 -13.94
CA PHE B 6 -0.65 -4.96 -13.19
C PHE B 6 -1.87 -5.38 -13.99
N THR B 7 -2.82 -6.07 -13.33
CA THR B 7 -4.07 -6.40 -13.95
C THR B 7 -5.08 -5.36 -13.51
N LEU B 8 -5.40 -4.46 -14.46
CA LEU B 8 -6.43 -3.46 -14.23
C LEU B 8 -7.78 -4.07 -14.56
N PRO B 9 -8.89 -3.49 -14.05
CA PRO B 9 -10.21 -3.84 -14.59
C PRO B 9 -10.14 -3.60 -16.10
N ALA B 10 -10.84 -4.49 -16.83
CA ALA B 10 -10.89 -4.36 -18.28
C ALA B 10 -11.50 -3.02 -18.68
N ASN B 11 -11.07 -2.52 -19.83
CA ASN B 11 -11.80 -1.45 -20.52
C ASN B 11 -11.81 -0.15 -19.70
N THR B 12 -10.76 0.05 -18.88
CA THR B 12 -10.75 1.19 -17.97
C THR B 12 -9.71 2.24 -18.36
N GLN B 13 -10.12 3.54 -18.35
N GLN B 13 -10.08 3.52 -18.45
CA GLN B 13 -9.20 4.64 -18.59
CA GLN B 13 -9.05 4.51 -18.73
C GLN B 13 -8.30 4.77 -17.35
C GLN B 13 -8.30 4.82 -17.42
N PHE B 14 -7.01 5.01 -17.57
CA PHE B 14 -6.09 5.19 -16.45
C PHE B 14 -5.07 6.21 -16.87
N GLY B 15 -4.47 6.85 -15.85
CA GLY B 15 -3.35 7.76 -16.08
C GLY B 15 -2.04 7.03 -15.85
N VAL B 16 -1.00 7.40 -16.59
CA VAL B 16 0.34 6.91 -16.33
C VAL B 16 1.29 8.11 -16.41
N THR B 17 2.07 8.27 -15.31
CA THR B 17 2.93 9.45 -15.12
C THR B 17 4.30 8.96 -14.63
N ALA B 18 5.38 9.43 -15.30
CA ALA B 18 6.73 9.05 -14.95
C ALA B 18 7.52 10.28 -14.53
N PHE B 19 8.30 10.07 -13.47
CA PHE B 19 9.25 11.03 -12.92
C PHE B 19 10.67 10.49 -12.98
N ALA B 20 11.70 11.34 -13.11
CA ALA B 20 13.08 10.89 -13.21
C ALA B 20 13.88 11.49 -12.04
N ASN B 21 14.77 10.66 -11.48
CA ASN B 21 15.70 11.06 -10.39
C ASN B 21 17.06 10.31 -10.54
N SER B 22 17.80 10.64 -11.62
CA SER B 22 19.02 9.94 -11.98
C SER B 22 19.84 10.79 -12.96
N ALA B 23 21.16 10.58 -12.90
CA ALA B 23 22.08 11.14 -13.89
C ALA B 23 21.84 10.53 -15.28
N GLY B 24 21.28 9.32 -15.33
CA GLY B 24 21.06 8.60 -16.57
C GLY B 24 19.68 8.90 -17.15
N THR B 25 19.63 8.93 -18.47
CA THR B 25 18.39 9.15 -19.19
C THR B 25 17.53 7.88 -19.06
N GLN B 26 16.30 8.08 -18.59
CA GLN B 26 15.32 7.04 -18.37
C GLN B 26 14.47 6.88 -19.64
N THR B 27 14.19 5.62 -19.99
CA THR B 27 13.23 5.28 -21.04
C THR B 27 12.19 4.37 -20.40
N VAL B 28 10.94 4.86 -20.33
CA VAL B 28 9.85 4.11 -19.75
C VAL B 28 8.95 3.68 -20.89
N ASN B 29 8.72 2.38 -21.00
CA ASN B 29 7.79 1.84 -21.99
C ASN B 29 6.57 1.30 -21.28
N VAL B 30 5.40 1.65 -21.83
CA VAL B 30 4.13 1.24 -21.29
C VAL B 30 3.51 0.27 -22.30
N GLN B 31 3.30 -0.98 -21.87
N GLN B 31 3.28 -0.96 -21.84
CA GLN B 31 2.66 -2.00 -22.71
CA GLN B 31 2.60 -1.96 -22.63
C GLN B 31 1.28 -2.33 -22.14
C GLN B 31 1.21 -2.18 -22.08
N VAL B 32 0.26 -2.22 -23.02
CA VAL B 32 -1.10 -2.56 -22.71
C VAL B 32 -1.45 -3.80 -23.52
N ASN B 33 -1.86 -4.86 -22.81
CA ASN B 33 -2.09 -6.16 -23.44
C ASN B 33 -0.98 -6.49 -24.44
N ASN B 34 0.29 -6.29 -24.04
CA ASN B 34 1.49 -6.74 -24.72
C ASN B 34 1.82 -5.87 -25.95
N GLU B 35 1.07 -4.78 -26.20
CA GLU B 35 1.47 -3.76 -27.19
C GLU B 35 2.00 -2.47 -26.53
N THR B 36 3.11 -1.96 -27.05
CA THR B 36 3.69 -0.71 -26.53
C THR B 36 2.79 0.43 -27.04
N VAL B 37 2.30 1.21 -26.09
CA VAL B 37 1.34 2.27 -26.40
C VAL B 37 1.85 3.63 -25.91
N ALA B 38 3.00 3.64 -25.21
CA ALA B 38 3.66 4.91 -24.85
C ALA B 38 5.13 4.63 -24.51
N THR B 39 5.94 5.63 -24.81
CA THR B 39 7.37 5.62 -24.50
C THR B 39 7.73 7.01 -24.01
N PHE B 40 8.16 7.09 -22.75
CA PHE B 40 8.61 8.35 -22.16
C PHE B 40 10.13 8.34 -22.03
N THR B 41 10.77 9.39 -22.55
CA THR B 41 12.22 9.49 -22.45
C THR B 41 12.53 10.82 -21.79
N GLY B 42 13.37 10.82 -20.78
CA GLY B 42 13.90 12.07 -20.26
C GLY B 42 14.93 11.83 -19.16
N GLN B 43 15.54 12.95 -18.74
CA GLN B 43 16.59 12.95 -17.72
C GLN B 43 16.35 14.10 -16.74
N SER B 44 16.33 13.76 -15.45
CA SER B 44 16.19 14.71 -14.36
C SER B 44 16.78 14.10 -13.10
N THR B 45 17.45 14.93 -12.28
CA THR B 45 17.76 14.54 -10.92
C THR B 45 16.89 15.24 -9.87
N ASN B 46 15.77 15.86 -10.30
CA ASN B 46 14.90 16.61 -9.40
C ASN B 46 13.44 16.32 -9.66
N ASN B 47 13.14 15.06 -10.03
CA ASN B 47 11.76 14.58 -10.03
C ASN B 47 10.93 15.19 -11.16
N ALA B 48 11.56 15.66 -12.24
CA ALA B 48 10.77 16.18 -13.34
C ALA B 48 9.89 15.07 -13.95
N ILE B 49 8.70 15.45 -14.39
CA ILE B 49 7.84 14.54 -15.12
C ILE B 49 8.42 14.40 -16.53
N ILE B 50 8.68 13.14 -16.91
CA ILE B 50 9.21 12.88 -18.25
C ILE B 50 8.10 12.36 -19.18
N GLY B 51 6.93 12.16 -18.62
CA GLY B 51 5.77 11.78 -19.40
C GLY B 51 4.50 11.63 -18.57
N SER B 52 3.37 11.89 -19.25
CA SER B 52 2.06 11.66 -18.64
C SER B 52 1.07 11.45 -19.78
N LYS B 53 0.32 10.34 -19.74
CA LYS B 53 -0.65 10.01 -20.77
C LYS B 53 -1.89 9.42 -20.09
N VAL B 54 -2.99 9.44 -20.83
CA VAL B 54 -4.21 8.75 -20.46
C VAL B 54 -4.44 7.64 -21.48
N LEU B 55 -4.59 6.41 -20.96
CA LEU B 55 -4.70 5.24 -21.79
C LEU B 55 -5.89 4.37 -21.36
N ASN B 56 -6.23 3.38 -22.19
CA ASN B 56 -7.28 2.43 -21.85
C ASN B 56 -6.69 1.02 -21.62
N SER B 57 -7.13 0.32 -20.58
CA SER B 57 -6.58 -0.99 -20.23
C SER B 57 -7.02 -2.11 -21.17
N GLY B 58 -8.02 -1.88 -22.03
CA GLY B 58 -8.34 -2.86 -23.08
C GLY B 58 -8.98 -4.12 -22.52
N GLY B 59 -9.29 -5.08 -23.39
CA GLY B 59 -10.11 -6.22 -22.97
C GLY B 59 -9.45 -7.11 -21.91
N GLY B 60 -8.13 -7.26 -21.95
CA GLY B 60 -7.40 -8.07 -20.99
C GLY B 60 -6.93 -7.35 -19.72
N GLY B 61 -6.94 -6.03 -19.75
CA GLY B 61 -6.57 -5.26 -18.57
C GLY B 61 -5.08 -5.22 -18.23
N LYS B 62 -4.22 -5.80 -19.06
CA LYS B 62 -2.82 -5.99 -18.64
C LYS B 62 -2.04 -4.72 -18.92
N VAL B 63 -1.38 -4.19 -17.88
CA VAL B 63 -0.51 -3.05 -18.03
C VAL B 63 0.88 -3.42 -17.50
N GLN B 64 1.91 -3.28 -18.34
CA GLN B 64 3.25 -3.54 -17.91
C GLN B 64 4.10 -2.30 -18.14
N ILE B 65 4.92 -1.99 -17.12
CA ILE B 65 5.96 -0.96 -17.24
C ILE B 65 7.35 -1.61 -17.40
N LEU B 66 8.11 -1.12 -18.37
CA LEU B 66 9.52 -1.47 -18.57
C LEU B 66 10.34 -0.19 -18.47
N VAL B 67 11.46 -0.25 -17.75
CA VAL B 67 12.37 0.87 -17.63
C VAL B 67 13.78 0.42 -18.07
N SER B 68 14.41 1.25 -18.88
CA SER B 68 15.80 1.03 -19.28
C SER B 68 16.55 2.35 -19.32
N VAL B 69 17.88 2.24 -19.19
CA VAL B 69 18.81 3.37 -19.23
C VAL B 69 19.93 3.02 -20.22
N ASN B 70 20.03 3.79 -21.32
CA ASN B 70 20.89 3.53 -22.47
C ASN B 70 20.92 2.03 -22.82
N GLY B 71 19.71 1.43 -22.94
CA GLY B 71 19.51 0.07 -23.41
C GLY B 71 19.58 -1.02 -22.33
N ARG B 72 19.86 -0.65 -21.07
N ARG B 72 19.95 -0.70 -21.09
CA ARG B 72 20.02 -1.59 -19.97
CA ARG B 72 20.01 -1.72 -20.04
C ARG B 72 18.74 -1.60 -19.11
C ARG B 72 18.76 -1.63 -19.15
N SER B 73 18.09 -2.77 -18.98
CA SER B 73 16.90 -2.89 -18.16
C SER B 73 17.20 -2.55 -16.72
N SER B 74 16.37 -1.70 -16.10
CA SER B 74 16.46 -1.40 -14.68
C SER B 74 15.75 -2.48 -13.87
N ASP B 75 16.18 -2.64 -12.63
N ASP B 75 16.19 -2.71 -12.65
CA ASP B 75 15.46 -3.46 -11.65
CA ASP B 75 15.43 -3.57 -11.74
C ASP B 75 14.22 -2.72 -11.18
C ASP B 75 14.25 -2.78 -11.18
N LEU B 76 13.07 -3.42 -11.16
CA LEU B 76 11.83 -2.80 -10.72
C LEU B 76 11.37 -3.29 -9.33
N VAL B 77 10.68 -2.40 -8.59
CA VAL B 77 9.88 -2.75 -7.44
C VAL B 77 8.50 -2.14 -7.67
N SER B 78 7.43 -2.82 -7.24
CA SER B 78 6.11 -2.35 -7.53
C SER B 78 5.11 -2.84 -6.47
N ALA B 79 3.94 -2.18 -6.43
CA ALA B 79 2.79 -2.65 -5.67
C ALA B 79 1.55 -1.90 -6.21
N GLN B 80 0.37 -2.43 -5.89
CA GLN B 80 -0.91 -1.78 -6.10
C GLN B 80 -1.55 -1.50 -4.74
N VAL B 81 -2.13 -0.31 -4.59
N VAL B 81 -2.09 -0.29 -4.57
CA VAL B 81 -2.85 0.01 -3.37
CA VAL B 81 -2.80 0.12 -3.37
C VAL B 81 -4.22 0.57 -3.79
C VAL B 81 -4.20 0.58 -3.78
N ILE B 82 -5.20 0.17 -2.99
CA ILE B 82 -6.59 0.60 -3.22
C ILE B 82 -7.09 1.27 -1.95
N LEU B 83 -7.64 2.49 -2.08
CA LEU B 83 -8.25 3.24 -0.99
C LEU B 83 -9.77 3.26 -1.20
N ALA B 84 -10.50 3.09 -0.10
CA ALA B 84 -11.94 3.21 -0.09
C ALA B 84 -12.56 2.19 -1.04
N ASN B 85 -11.86 1.08 -1.28
CA ASN B 85 -12.37 0.03 -2.18
C ASN B 85 -12.67 0.54 -3.61
N GLU B 86 -12.02 1.62 -4.05
CA GLU B 86 -12.42 2.34 -5.25
C GLU B 86 -11.23 2.99 -5.98
N LEU B 87 -10.34 3.69 -5.22
CA LEU B 87 -9.32 4.53 -5.80
C LEU B 87 -8.01 3.71 -5.88
N ASN B 88 -7.49 3.53 -7.08
CA ASN B 88 -6.39 2.63 -7.30
C ASN B 88 -5.11 3.35 -7.73
N PHE B 89 -3.98 2.87 -7.16
CA PHE B 89 -2.67 3.29 -7.57
C PHE B 89 -1.82 2.05 -7.80
N ALA B 90 -1.22 1.98 -8.99
CA ALA B 90 -0.16 1.03 -9.29
C ALA B 90 1.14 1.84 -9.36
N LEU B 91 2.09 1.41 -8.51
CA LEU B 91 3.30 2.18 -8.25
C LEU B 91 4.53 1.35 -8.66
N VAL B 92 5.48 2.03 -9.31
CA VAL B 92 6.71 1.42 -9.78
C VAL B 92 7.90 2.30 -9.37
N GLY B 93 8.91 1.65 -8.76
CA GLY B 93 10.25 2.23 -8.64
C GLY B 93 11.24 1.42 -9.48
N SER B 94 12.36 2.03 -9.80
CA SER B 94 13.36 1.38 -10.64
C SER B 94 14.74 1.88 -10.20
N GLU B 95 15.71 0.94 -10.31
CA GLU B 95 17.09 1.19 -9.95
C GLU B 95 17.94 0.88 -11.18
N ASP B 96 18.79 1.85 -11.56
CA ASP B 96 19.64 1.73 -12.72
C ASP B 96 21.12 1.53 -12.32
N SER B 97 21.46 1.57 -11.02
CA SER B 97 22.84 1.49 -10.55
CA SER B 97 22.83 1.49 -10.55
C SER B 97 22.88 0.74 -9.21
N THR B 98 23.70 1.22 -8.26
CA THR B 98 24.13 0.42 -7.14
C THR B 98 23.68 1.02 -5.83
N ASP B 99 23.03 2.20 -5.84
CA ASP B 99 22.67 2.87 -4.59
C ASP B 99 21.32 2.43 -4.02
N ASN B 100 20.45 1.77 -4.83
CA ASN B 100 19.20 1.19 -4.34
C ASN B 100 18.27 2.24 -3.69
N ASP B 101 18.25 3.45 -4.30
CA ASP B 101 17.20 4.42 -3.97
C ASP B 101 15.89 4.06 -4.67
N TYR B 102 15.97 3.29 -5.76
CA TYR B 102 14.78 2.83 -6.50
C TYR B 102 13.87 4.00 -6.96
N ASN B 103 14.45 5.22 -7.12
CA ASN B 103 13.70 6.38 -7.58
C ASN B 103 14.14 6.85 -8.97
N ASP B 104 14.91 6.06 -9.71
CA ASP B 104 15.65 6.58 -10.86
C ASP B 104 14.62 6.90 -11.95
N ALA B 105 13.64 5.98 -12.17
CA ALA B 105 12.34 6.33 -12.73
C ALA B 105 11.28 5.85 -11.75
N VAL B 106 10.33 6.73 -11.47
CA VAL B 106 9.17 6.47 -10.65
C VAL B 106 7.94 6.58 -11.54
N VAL B 107 7.11 5.54 -11.54
CA VAL B 107 5.93 5.54 -12.38
C VAL B 107 4.71 5.32 -11.50
N VAL B 108 3.70 6.18 -11.73
CA VAL B 108 2.43 6.14 -11.01
C VAL B 108 1.30 5.95 -12.02
N ILE B 109 0.55 4.89 -11.82
CA ILE B 109 -0.63 4.59 -12.63
C ILE B 109 -1.82 4.85 -11.73
N ASN B 110 -2.82 5.63 -12.19
CA ASN B 110 -3.98 5.90 -11.34
C ASN B 110 -5.28 5.64 -12.12
N TRP B 111 -6.27 5.10 -11.43
CA TRP B 111 -7.64 4.98 -11.95
C TRP B 111 -8.61 4.89 -10.77
N PRO B 112 -9.93 5.16 -10.92
CA PRO B 112 -10.54 5.62 -12.18
C PRO B 112 -10.26 7.10 -12.44
N LEU B 113 -10.52 7.46 -13.69
CA LEU B 113 -10.47 8.83 -14.19
C LEU B 113 -11.86 9.43 -14.32
N GLY B 114 -11.91 10.75 -14.55
CA GLY B 114 -13.16 11.37 -14.90
C GLY B 114 -13.97 11.89 -13.73
N ALA C 1 -15.78 8.22 3.11
CA ALA C 1 -15.37 6.96 2.44
C ALA C 1 -15.85 5.75 3.27
N THR C 2 -16.48 4.73 2.67
CA THR C 2 -16.67 3.54 3.48
C THR C 2 -15.25 2.94 3.66
N GLN C 3 -15.09 2.38 4.83
CA GLN C 3 -13.86 1.71 5.24
C GLN C 3 -14.29 0.34 5.69
N GLY C 4 -13.35 -0.61 5.57
CA GLY C 4 -13.58 -1.97 6.03
C GLY C 4 -14.42 -2.81 5.06
N VAL C 5 -14.62 -2.30 3.83
CA VAL C 5 -15.36 -3.01 2.80
C VAL C 5 -14.41 -3.29 1.63
N PHE C 6 -14.37 -4.56 1.19
CA PHE C 6 -13.43 -5.00 0.18
C PHE C 6 -14.14 -5.86 -0.87
N THR C 7 -13.86 -5.61 -2.16
CA THR C 7 -14.36 -6.48 -3.22
C THR C 7 -13.29 -7.51 -3.58
N LEU C 8 -13.61 -8.76 -3.30
CA LEU C 8 -12.76 -9.90 -3.60
C LEU C 8 -13.26 -10.50 -4.91
N PRO C 9 -12.41 -11.32 -5.55
CA PRO C 9 -12.87 -12.16 -6.65
C PRO C 9 -13.95 -13.10 -6.11
N ALA C 10 -14.91 -13.48 -6.99
CA ALA C 10 -16.00 -14.33 -6.56
C ALA C 10 -15.48 -15.72 -6.21
N ASN C 11 -16.16 -16.36 -5.23
N ASN C 11 -16.22 -16.48 -5.36
CA ASN C 11 -16.06 -17.81 -4.95
CA ASN C 11 -15.97 -17.88 -5.05
C ASN C 11 -14.61 -18.18 -4.58
C ASN C 11 -14.48 -18.11 -4.77
N THR C 12 -13.92 -17.27 -3.90
CA THR C 12 -12.51 -17.38 -3.59
C THR C 12 -12.34 -17.56 -2.09
N GLN C 13 -11.47 -18.53 -1.73
CA GLN C 13 -11.12 -18.78 -0.36
C GLN C 13 -10.16 -17.68 0.10
N PHE C 14 -10.43 -17.16 1.29
CA PHE C 14 -9.53 -16.22 1.90
C PHE C 14 -9.41 -16.50 3.38
N GLY C 15 -8.33 -15.95 3.96
CA GLY C 15 -8.19 -16.01 5.41
C GLY C 15 -8.47 -14.64 6.03
N VAL C 16 -8.96 -14.67 7.24
CA VAL C 16 -9.22 -13.47 8.03
C VAL C 16 -8.74 -13.73 9.47
N THR C 17 -7.93 -12.80 10.00
CA THR C 17 -7.27 -12.92 11.28
C THR C 17 -7.41 -11.57 11.98
N ALA C 18 -7.77 -11.60 13.25
CA ALA C 18 -7.91 -10.40 14.06
C ALA C 18 -6.98 -10.46 15.28
N PHE C 19 -6.36 -9.31 15.58
CA PHE C 19 -5.50 -9.07 16.74
C PHE C 19 -6.11 -7.99 17.63
N ALA C 20 -5.96 -8.10 18.97
CA ALA C 20 -6.49 -7.08 19.88
C ALA C 20 -5.35 -6.35 20.62
N ASN C 21 -5.56 -5.03 20.79
CA ASN C 21 -4.62 -4.18 21.50
C ASN C 21 -5.42 -3.07 22.20
N SER C 22 -6.14 -3.45 23.22
CA SER C 22 -7.05 -2.56 23.92
C SER C 22 -7.42 -3.16 25.25
N ALA C 23 -7.73 -2.26 26.22
CA ALA C 23 -8.29 -2.69 27.49
C ALA C 23 -9.69 -3.26 27.27
N GLY C 24 -10.34 -2.86 26.16
CA GLY C 24 -11.70 -3.25 25.87
C GLY C 24 -11.77 -4.55 25.07
N THR C 25 -12.75 -5.39 25.39
CA THR C 25 -12.99 -6.63 24.67
C THR C 25 -13.52 -6.27 23.28
N GLN C 26 -12.85 -6.82 22.27
CA GLN C 26 -13.15 -6.56 20.87
C GLN C 26 -14.09 -7.63 20.36
N THR C 27 -15.08 -7.19 19.57
CA THR C 27 -15.86 -8.09 18.75
C THR C 27 -15.74 -7.69 17.28
N VAL C 28 -15.24 -8.64 16.47
CA VAL C 28 -15.04 -8.44 15.07
C VAL C 28 -16.08 -9.31 14.36
N ASN C 29 -16.88 -8.69 13.50
CA ASN C 29 -17.82 -9.45 12.69
C ASN C 29 -17.35 -9.39 11.25
N VAL C 30 -17.44 -10.54 10.58
CA VAL C 30 -17.10 -10.63 9.18
C VAL C 30 -18.38 -10.93 8.42
N GLN C 31 -18.69 -10.02 7.49
CA GLN C 31 -19.88 -10.17 6.66
C GLN C 31 -19.43 -10.46 5.23
N VAL C 32 -19.98 -11.54 4.67
CA VAL C 32 -19.73 -11.88 3.28
C VAL C 32 -21.10 -11.74 2.58
N ASN C 33 -21.15 -10.84 1.58
CA ASN C 33 -22.38 -10.58 0.83
C ASN C 33 -23.52 -10.32 1.80
N ASN C 34 -23.19 -9.50 2.81
CA ASN C 34 -24.12 -8.85 3.74
C ASN C 34 -24.66 -9.84 4.79
N GLU C 35 -24.02 -11.01 4.92
CA GLU C 35 -24.37 -11.95 5.97
C GLU C 35 -23.16 -12.24 6.86
N THR C 36 -23.38 -12.29 8.17
CA THR C 36 -22.33 -12.62 9.15
C THR C 36 -21.95 -14.09 9.02
N VAL C 37 -20.66 -14.33 8.79
CA VAL C 37 -20.09 -15.68 8.69
C VAL C 37 -19.01 -15.93 9.72
N ALA C 38 -18.58 -14.90 10.46
CA ALA C 38 -17.60 -15.14 11.49
C ALA C 38 -17.69 -14.01 12.51
N THR C 39 -17.46 -14.42 13.77
CA THR C 39 -17.47 -13.53 14.92
C THR C 39 -16.27 -13.90 15.76
N PHE C 40 -15.36 -12.91 15.93
CA PHE C 40 -14.21 -13.10 16.78
C PHE C 40 -14.32 -12.15 17.97
N THR C 41 -14.28 -12.72 19.18
CA THR C 41 -14.32 -11.93 20.39
C THR C 41 -13.10 -12.28 21.24
N GLY C 42 -12.42 -11.26 21.76
CA GLY C 42 -11.33 -11.51 22.70
C GLY C 42 -10.76 -10.21 23.25
N GLN C 43 -9.75 -10.31 24.11
CA GLN C 43 -9.25 -9.12 24.79
C GLN C 43 -7.77 -9.29 25.04
N SER C 44 -6.98 -8.29 24.66
CA SER C 44 -5.52 -8.34 24.79
C SER C 44 -4.99 -6.93 24.63
N THR C 45 -3.90 -6.59 25.34
CA THR C 45 -3.17 -5.37 25.10
C THR C 45 -1.79 -5.71 24.52
N ASN C 46 -1.65 -6.97 24.08
CA ASN C 46 -0.39 -7.47 23.58
C ASN C 46 -0.53 -8.26 22.28
N ASN C 47 -1.41 -7.78 21.38
CA ASN C 47 -1.50 -8.27 20.02
C ASN C 47 -1.97 -9.73 19.94
N ALA C 48 -2.73 -10.22 20.91
CA ALA C 48 -3.15 -11.61 20.84
C ALA C 48 -4.10 -11.78 19.67
N ILE C 49 -3.97 -12.91 18.97
CA ILE C 49 -4.91 -13.29 17.91
C ILE C 49 -6.22 -13.73 18.58
N ILE C 50 -7.29 -13.02 18.28
CA ILE C 50 -8.56 -13.30 18.88
C ILE C 50 -9.41 -14.15 17.91
N GLY C 51 -8.91 -14.40 16.69
CA GLY C 51 -9.60 -15.30 15.77
C GLY C 51 -8.90 -15.39 14.42
N SER C 52 -9.04 -16.53 13.74
CA SER C 52 -8.47 -16.72 12.41
C SER C 52 -9.33 -17.80 11.77
N LYS C 53 -9.75 -17.55 10.55
CA LYS C 53 -10.69 -18.42 9.88
C LYS C 53 -10.46 -18.33 8.37
N VAL C 54 -10.90 -19.43 7.71
CA VAL C 54 -10.88 -19.52 6.26
C VAL C 54 -12.34 -19.48 5.82
N LEU C 55 -12.63 -18.56 4.89
CA LEU C 55 -13.97 -18.31 4.39
C LEU C 55 -13.94 -18.31 2.87
N ASN C 56 -15.13 -18.31 2.30
CA ASN C 56 -15.29 -18.15 0.87
C ASN C 56 -16.00 -16.83 0.57
N SER C 57 -15.56 -16.10 -0.47
CA SER C 57 -16.10 -14.82 -0.81
C SER C 57 -17.52 -14.90 -1.41
N GLY C 58 -17.93 -16.09 -1.88
CA GLY C 58 -19.28 -16.26 -2.38
C GLY C 58 -19.49 -15.56 -3.72
N GLY C 59 -20.76 -15.44 -4.13
CA GLY C 59 -21.08 -15.00 -5.47
C GLY C 59 -20.73 -13.55 -5.71
N GLY C 60 -20.94 -12.67 -4.72
CA GLY C 60 -20.77 -11.23 -4.90
C GLY C 60 -19.33 -10.74 -4.57
N GLY C 61 -18.56 -11.54 -3.86
CA GLY C 61 -17.22 -11.11 -3.54
C GLY C 61 -17.11 -10.06 -2.44
N LYS C 62 -18.22 -9.65 -1.84
CA LYS C 62 -18.18 -8.54 -0.87
C LYS C 62 -17.84 -9.02 0.53
N VAL C 63 -16.75 -8.44 1.07
CA VAL C 63 -16.35 -8.74 2.42
C VAL C 63 -16.28 -7.44 3.20
N GLN C 64 -17.02 -7.41 4.32
CA GLN C 64 -17.08 -6.29 5.21
C GLN C 64 -16.70 -6.69 6.65
N ILE C 65 -15.78 -5.90 7.21
CA ILE C 65 -15.40 -6.01 8.61
C ILE C 65 -16.11 -4.94 9.44
N LEU C 66 -16.72 -5.35 10.55
CA LEU C 66 -17.31 -4.48 11.54
C LEU C 66 -16.65 -4.79 12.88
N VAL C 67 -16.30 -3.76 13.64
CA VAL C 67 -15.71 -3.95 14.96
C VAL C 67 -16.57 -3.17 15.97
N SER C 68 -16.81 -3.78 17.13
CA SER C 68 -17.54 -3.14 18.23
C SER C 68 -16.88 -3.51 19.56
N VAL C 69 -17.06 -2.62 20.54
CA VAL C 69 -16.63 -2.82 21.91
C VAL C 69 -17.83 -2.49 22.81
N ASN C 70 -18.24 -3.48 23.59
CA ASN C 70 -19.44 -3.37 24.44
C ASN C 70 -20.64 -2.87 23.61
N GLY C 71 -20.84 -3.44 22.42
CA GLY C 71 -21.97 -3.08 21.58
C GLY C 71 -21.86 -1.74 20.83
N ARG C 72 -20.73 -1.01 20.96
CA ARG C 72 -20.55 0.29 20.33
C ARG C 72 -19.56 0.17 19.17
N SER C 73 -19.92 0.72 18.01
CA SER C 73 -19.11 0.61 16.80
C SER C 73 -17.79 1.34 16.93
N SER C 74 -16.68 0.66 16.58
CA SER C 74 -15.41 1.33 16.42
C SER C 74 -15.31 2.04 15.07
N ASP C 75 -14.49 3.10 15.03
CA ASP C 75 -14.15 3.78 13.80
C ASP C 75 -13.04 2.99 13.11
N LEU C 76 -13.20 2.81 11.80
CA LEU C 76 -12.28 2.03 11.00
C LEU C 76 -11.41 2.87 10.05
N VAL C 77 -10.19 2.34 9.81
CA VAL C 77 -9.34 2.75 8.70
C VAL C 77 -8.97 1.46 7.94
N SER C 78 -8.82 1.57 6.62
CA SER C 78 -8.57 0.39 5.82
C SER C 78 -7.84 0.74 4.53
N ALA C 79 -7.25 -0.31 3.92
CA ALA C 79 -6.70 -0.26 2.58
C ALA C 79 -6.46 -1.69 2.10
N GLN C 80 -6.29 -1.84 0.78
CA GLN C 80 -5.91 -3.12 0.18
C GLN C 80 -4.59 -2.91 -0.55
N VAL C 81 -3.65 -3.84 -0.39
N VAL C 81 -3.69 -3.88 -0.38
CA VAL C 81 -2.44 -3.78 -1.17
CA VAL C 81 -2.40 -3.90 -1.04
C VAL C 81 -2.18 -5.15 -1.81
C VAL C 81 -2.29 -5.18 -1.85
N ILE C 82 -1.69 -5.10 -3.05
CA ILE C 82 -1.41 -6.27 -3.87
C ILE C 82 0.09 -6.26 -4.23
N LEU C 83 0.73 -7.41 -3.92
CA LEU C 83 2.13 -7.66 -4.20
C LEU C 83 2.28 -8.66 -5.36
N ALA C 84 3.21 -8.35 -6.28
CA ALA C 84 3.53 -9.24 -7.40
C ALA C 84 2.27 -9.52 -8.25
N ASN C 85 1.32 -8.55 -8.24
CA ASN C 85 0.07 -8.68 -9.00
C ASN C 85 -0.72 -9.92 -8.63
N GLU C 86 -0.53 -10.50 -7.44
CA GLU C 86 -1.12 -11.81 -7.16
C GLU C 86 -1.50 -11.93 -5.68
N LEU C 87 -0.64 -11.40 -4.77
CA LEU C 87 -0.84 -11.62 -3.35
C LEU C 87 -1.56 -10.41 -2.74
N ASN C 88 -2.70 -10.69 -2.13
CA ASN C 88 -3.62 -9.64 -1.73
C ASN C 88 -3.72 -9.58 -0.22
N PHE C 89 -3.59 -8.35 0.30
CA PHE C 89 -3.89 -8.09 1.70
C PHE C 89 -4.95 -6.99 1.80
N ALA C 90 -5.99 -7.23 2.59
CA ALA C 90 -6.98 -6.21 2.97
C ALA C 90 -6.82 -6.00 4.46
N LEU C 91 -6.52 -4.75 4.81
CA LEU C 91 -6.10 -4.35 6.13
C LEU C 91 -7.13 -3.44 6.77
N VAL C 92 -7.36 -3.68 8.08
CA VAL C 92 -8.29 -2.86 8.86
C VAL C 92 -7.67 -2.53 10.22
N GLY C 93 -7.76 -1.24 10.56
CA GLY C 93 -7.46 -0.80 11.90
C GLY C 93 -8.73 -0.23 12.51
N SER C 94 -8.84 -0.23 13.83
CA SER C 94 -10.06 0.25 14.46
C SER C 94 -9.74 0.97 15.76
N GLU C 95 -10.57 1.96 16.10
CA GLU C 95 -10.41 2.79 17.27
C GLU C 95 -11.67 2.73 18.12
N ASP C 96 -11.50 2.42 19.42
CA ASP C 96 -12.60 2.25 20.36
C ASP C 96 -12.69 3.39 21.39
N SER C 97 -11.79 4.38 21.31
CA SER C 97 -11.69 5.42 22.32
CA SER C 97 -11.73 5.45 22.31
C SER C 97 -11.11 6.70 21.69
N THR C 98 -10.27 7.41 22.46
CA THR C 98 -9.85 8.74 22.09
C THR C 98 -8.35 8.87 21.77
N ASP C 99 -7.54 7.79 21.85
CA ASP C 99 -6.09 7.95 21.71
C ASP C 99 -5.66 7.90 20.23
N ASN C 100 -6.50 7.35 19.36
CA ASN C 100 -6.26 7.33 17.91
C ASN C 100 -4.99 6.55 17.51
N ASP C 101 -4.79 5.38 18.15
CA ASP C 101 -3.76 4.44 17.72
C ASP C 101 -4.34 3.46 16.68
N TYR C 102 -5.66 3.35 16.57
CA TYR C 102 -6.34 2.55 15.54
C TYR C 102 -5.82 1.11 15.49
N ASN C 103 -5.24 0.59 16.60
CA ASN C 103 -4.82 -0.80 16.71
C ASN C 103 -5.66 -1.61 17.70
N ASP C 104 -6.84 -1.09 18.08
CA ASP C 104 -7.60 -1.70 19.17
C ASP C 104 -8.10 -3.09 18.73
N ALA C 105 -8.69 -3.19 17.53
CA ALA C 105 -8.72 -4.46 16.79
C ALA C 105 -8.03 -4.22 15.44
N VAL C 106 -7.10 -5.09 15.07
CA VAL C 106 -6.43 -5.05 13.77
C VAL C 106 -6.88 -6.30 13.01
N VAL C 107 -7.39 -6.11 11.82
CA VAL C 107 -7.87 -7.24 11.02
C VAL C 107 -7.05 -7.34 9.74
N VAL C 108 -6.62 -8.56 9.41
CA VAL C 108 -5.90 -8.85 8.17
C VAL C 108 -6.62 -9.95 7.37
N ILE C 109 -6.98 -9.60 6.13
CA ILE C 109 -7.54 -10.56 5.19
C ILE C 109 -6.49 -10.85 4.11
N ASN C 110 -6.29 -12.14 3.79
CA ASN C 110 -5.28 -12.51 2.83
C ASN C 110 -5.82 -13.53 1.83
N TRP C 111 -5.45 -13.36 0.57
CA TRP C 111 -5.76 -14.31 -0.48
C TRP C 111 -4.75 -14.13 -1.59
N PRO C 112 -4.52 -15.14 -2.48
CA PRO C 112 -5.15 -16.45 -2.42
C PRO C 112 -4.53 -17.35 -1.37
N LEU C 113 -5.23 -18.48 -1.12
CA LEU C 113 -4.79 -19.54 -0.23
C LEU C 113 -4.37 -20.76 -1.03
N GLY C 114 -3.76 -21.75 -0.37
CA GLY C 114 -3.42 -23.01 -1.02
C GLY C 114 -2.04 -23.07 -1.69
N ALA D 1 17.92 -8.86 0.76
CA ALA D 1 18.58 -7.53 0.79
C ALA D 1 17.58 -6.45 0.34
N THR D 2 16.85 -6.62 -0.80
CA THR D 2 15.93 -5.55 -1.21
C THR D 2 14.48 -5.82 -0.80
N GLN D 3 14.16 -7.04 -0.34
CA GLN D 3 12.81 -7.39 0.07
C GLN D 3 12.84 -8.11 1.42
N GLY D 4 11.81 -7.88 2.22
CA GLY D 4 11.68 -8.46 3.54
C GLY D 4 12.52 -7.76 4.63
N VAL D 5 13.05 -6.57 4.36
CA VAL D 5 13.80 -5.77 5.34
C VAL D 5 12.99 -4.52 5.64
N PHE D 6 12.77 -4.24 6.91
CA PHE D 6 11.97 -3.09 7.31
C PHE D 6 12.67 -2.31 8.44
N THR D 7 12.67 -0.98 8.32
CA THR D 7 13.23 -0.16 9.38
C THR D 7 12.06 0.33 10.24
N LEU D 8 11.99 -0.15 11.48
CA LEU D 8 10.97 0.21 12.44
C LEU D 8 11.55 1.34 13.30
N PRO D 9 10.69 2.11 14.02
CA PRO D 9 11.11 3.06 15.07
C PRO D 9 11.91 2.22 16.05
N ALA D 10 12.96 2.78 16.70
CA ALA D 10 13.80 2.01 17.61
C ALA D 10 12.97 1.61 18.82
N ASN D 11 13.33 0.46 19.39
CA ASN D 11 12.92 0.11 20.76
C ASN D 11 11.41 -0.03 20.85
N THR D 12 10.80 -0.53 19.77
CA THR D 12 9.35 -0.55 19.63
C THR D 12 8.87 -2.01 19.61
N GLN D 13 7.82 -2.24 20.40
CA GLN D 13 7.10 -3.51 20.39
C GLN D 13 6.38 -3.67 19.05
N PHE D 14 6.43 -4.87 18.54
CA PHE D 14 5.75 -5.20 17.27
C PHE D 14 5.35 -6.67 17.27
N GLY D 15 4.31 -6.96 16.48
CA GLY D 15 3.88 -8.33 16.24
C GLY D 15 4.42 -8.85 14.92
N VAL D 16 4.71 -10.17 14.90
CA VAL D 16 5.05 -10.85 13.65
C VAL D 16 4.31 -12.18 13.64
N THR D 17 3.61 -12.44 12.54
CA THR D 17 2.69 -13.58 12.41
C THR D 17 2.92 -14.19 11.01
N ALA D 18 3.05 -15.53 10.96
CA ALA D 18 3.29 -16.23 9.71
C ALA D 18 2.19 -17.27 9.46
N PHE D 19 1.75 -17.29 8.20
CA PHE D 19 0.83 -18.28 7.64
C PHE D 19 1.49 -19.12 6.55
N ALA D 20 1.01 -20.36 6.39
CA ALA D 20 1.56 -21.26 5.39
C ALA D 20 0.46 -21.70 4.39
N ASN D 21 0.87 -21.76 3.13
CA ASN D 21 0.02 -22.15 2.02
C ASN D 21 0.86 -22.85 0.95
N SER D 22 1.31 -24.08 1.24
CA SER D 22 2.21 -24.80 0.36
C SER D 22 2.32 -26.25 0.85
N ALA D 23 2.64 -27.15 -0.09
CA ALA D 23 2.95 -28.54 0.23
C ALA D 23 4.24 -28.62 1.06
N GLY D 24 5.12 -27.65 0.89
CA GLY D 24 6.42 -27.69 1.55
C GLY D 24 6.40 -27.04 2.92
N THR D 25 7.18 -27.66 3.82
CA THR D 25 7.35 -27.13 5.16
C THR D 25 8.12 -25.82 5.11
N GLN D 26 7.51 -24.74 5.66
CA GLN D 26 8.09 -23.41 5.63
C GLN D 26 8.91 -23.22 6.90
N THR D 27 10.03 -22.52 6.77
CA THR D 27 10.81 -22.00 7.89
C THR D 27 10.91 -20.48 7.74
N VAL D 28 10.37 -19.70 8.70
CA VAL D 28 10.52 -18.26 8.68
C VAL D 28 11.45 -17.86 9.83
N ASN D 29 12.50 -17.16 9.49
CA ASN D 29 13.45 -16.62 10.47
C ASN D 29 13.22 -15.12 10.58
N VAL D 30 13.10 -14.63 11.80
CA VAL D 30 12.94 -13.21 12.08
C VAL D 30 14.26 -12.71 12.69
N GLN D 31 14.94 -11.82 11.98
CA GLN D 31 16.15 -11.20 12.53
C GLN D 31 15.89 -9.78 12.96
N VAL D 32 16.34 -9.43 14.16
CA VAL D 32 16.22 -8.08 14.68
C VAL D 32 17.66 -7.62 14.92
N ASN D 33 18.04 -6.55 14.20
CA ASN D 33 19.40 -6.04 14.20
C ASN D 33 20.39 -7.19 14.00
N ASN D 34 20.12 -7.99 12.95
CA ASN D 34 21.04 -8.95 12.38
C ASN D 34 21.19 -10.19 13.25
N GLU D 35 20.31 -10.39 14.23
CA GLU D 35 20.29 -11.60 15.04
C GLU D 35 18.96 -12.30 14.89
N THR D 36 18.99 -13.62 14.77
CA THR D 36 17.75 -14.40 14.74
C THR D 36 17.14 -14.45 16.15
N VAL D 37 15.89 -13.98 16.29
CA VAL D 37 15.21 -13.91 17.56
C VAL D 37 13.92 -14.76 17.56
N ALA D 38 13.47 -15.22 16.40
CA ALA D 38 12.32 -16.12 16.34
C ALA D 38 12.40 -16.91 15.05
N THR D 39 11.92 -18.15 15.15
CA THR D 39 11.87 -19.04 14.00
C THR D 39 10.54 -19.75 14.03
N PHE D 40 9.82 -19.70 12.88
CA PHE D 40 8.52 -20.35 12.75
C PHE D 40 8.61 -21.45 11.70
N THR D 41 8.12 -22.65 12.05
CA THR D 41 8.21 -23.76 11.12
C THR D 41 6.86 -24.44 11.11
N GLY D 42 6.39 -24.83 9.89
CA GLY D 42 5.14 -25.52 9.81
C GLY D 42 4.77 -25.79 8.35
N GLN D 43 3.76 -26.63 8.18
CA GLN D 43 3.27 -26.96 6.83
C GLN D 43 1.74 -26.86 6.82
N SER D 44 1.20 -26.17 5.82
CA SER D 44 -0.24 -26.07 5.67
C SER D 44 -0.57 -25.62 4.26
N THR D 45 -1.62 -26.20 3.65
CA THR D 45 -2.15 -25.65 2.40
C THR D 45 -3.46 -24.89 2.65
N ASN D 46 -3.73 -24.49 3.91
CA ASN D 46 -4.99 -23.84 4.27
C ASN D 46 -4.77 -22.66 5.22
N ASN D 47 -3.65 -21.96 5.10
CA ASN D 47 -3.45 -20.68 5.78
C ASN D 47 -3.23 -20.81 7.29
N ALA D 48 -2.80 -22.00 7.77
CA ALA D 48 -2.58 -22.18 9.20
C ALA D 48 -1.53 -21.15 9.64
N ILE D 49 -1.72 -20.69 10.87
CA ILE D 49 -0.72 -19.87 11.58
C ILE D 49 0.37 -20.83 12.08
N ILE D 50 1.61 -20.60 11.61
CA ILE D 50 2.76 -21.41 12.00
C ILE D 50 3.59 -20.69 13.07
N GLY D 51 3.22 -19.45 13.39
CA GLY D 51 3.78 -18.75 14.54
C GLY D 51 3.29 -17.31 14.62
N SER D 52 3.27 -16.79 15.85
CA SER D 52 2.95 -15.41 16.16
C SER D 52 3.70 -15.04 17.44
N LYS D 53 4.41 -13.91 17.40
CA LYS D 53 5.25 -13.51 18.52
C LYS D 53 5.24 -11.98 18.58
N VAL D 54 5.42 -11.45 19.79
CA VAL D 54 5.69 -10.04 20.02
C VAL D 54 7.16 -9.89 20.32
N LEU D 55 7.81 -8.98 19.57
CA LEU D 55 9.22 -8.73 19.72
C LEU D 55 9.44 -7.22 19.88
N ASN D 56 10.69 -6.86 20.17
CA ASN D 56 11.10 -5.47 20.25
C ASN D 56 12.11 -5.20 19.14
N SER D 57 11.99 -4.03 18.46
CA SER D 57 12.83 -3.68 17.33
C SER D 57 14.26 -3.28 17.71
N GLY D 58 14.50 -3.04 19.02
CA GLY D 58 15.83 -2.72 19.54
C GLY D 58 16.43 -1.42 19.04
N GLY D 59 17.73 -1.25 19.31
CA GLY D 59 18.38 0.03 19.05
C GLY D 59 18.32 0.48 17.59
N GLY D 60 18.53 -0.48 16.66
CA GLY D 60 18.69 -0.19 15.24
C GLY D 60 17.35 -0.18 14.49
N GLY D 61 16.31 -0.76 15.11
CA GLY D 61 15.00 -0.96 14.50
C GLY D 61 14.97 -1.83 13.26
N LYS D 62 16.04 -2.58 12.96
CA LYS D 62 16.09 -3.35 11.75
C LYS D 62 15.38 -4.71 11.96
N VAL D 63 14.37 -4.97 11.12
CA VAL D 63 13.66 -6.24 11.13
C VAL D 63 13.75 -6.85 9.73
N GLN D 64 14.27 -8.08 9.67
CA GLN D 64 14.39 -8.80 8.40
C GLN D 64 13.73 -10.17 8.56
N ILE D 65 12.90 -10.48 7.54
CA ILE D 65 12.26 -11.79 7.41
C ILE D 65 12.99 -12.62 6.33
N LEU D 66 13.37 -13.84 6.72
CA LEU D 66 13.95 -14.79 5.79
C LEU D 66 13.01 -15.98 5.75
N VAL D 67 12.75 -16.51 4.56
CA VAL D 67 11.91 -17.69 4.37
C VAL D 67 12.72 -18.73 3.58
N SER D 68 12.71 -19.96 4.06
CA SER D 68 13.33 -21.07 3.37
C SER D 68 12.42 -22.27 3.51
N VAL D 69 12.61 -23.17 2.53
CA VAL D 69 11.88 -24.42 2.43
C VAL D 69 12.92 -25.49 2.15
N ASN D 70 13.05 -26.40 3.10
CA ASN D 70 13.95 -27.53 2.99
C ASN D 70 15.37 -27.06 2.71
N GLY D 71 15.77 -25.98 3.37
CA GLY D 71 17.09 -25.42 3.23
C GLY D 71 17.30 -24.56 1.99
N ARG D 72 16.23 -24.28 1.22
CA ARG D 72 16.35 -23.41 0.04
C ARG D 72 15.64 -22.06 0.27
N SER D 73 16.40 -20.95 0.18
CA SER D 73 15.79 -19.63 0.31
C SER D 73 14.65 -19.45 -0.69
N SER D 74 13.53 -18.95 -0.19
CA SER D 74 12.41 -18.56 -1.05
C SER D 74 12.61 -17.14 -1.59
N ASP D 75 11.98 -16.87 -2.73
CA ASP D 75 11.94 -15.54 -3.32
C ASP D 75 10.88 -14.76 -2.55
N LEU D 76 11.21 -13.52 -2.17
CA LEU D 76 10.31 -12.68 -1.35
C LEU D 76 9.79 -11.49 -2.12
N VAL D 77 8.62 -11.05 -1.68
N VAL D 77 8.58 -11.07 -1.79
CA VAL D 77 7.98 -9.81 -2.09
CA VAL D 77 8.08 -9.75 -2.14
C VAL D 77 7.47 -9.10 -0.83
C VAL D 77 7.62 -9.11 -0.83
N SER D 78 7.62 -7.77 -0.76
CA SER D 78 7.31 -7.09 0.47
C SER D 78 6.93 -5.65 0.22
N ALA D 79 6.20 -5.09 1.18
CA ALA D 79 5.94 -3.66 1.21
C ALA D 79 5.54 -3.28 2.65
N GLN D 80 5.59 -1.98 2.92
CA GLN D 80 5.11 -1.43 4.17
C GLN D 80 3.97 -0.46 3.80
N VAL D 81 2.86 -0.55 4.55
CA VAL D 81 1.72 0.34 4.39
C VAL D 81 1.45 1.00 5.74
N ILE D 82 1.19 2.32 5.73
CA ILE D 82 0.82 3.05 6.93
C ILE D 82 -0.56 3.68 6.72
N LEU D 83 -1.49 3.40 7.62
CA LEU D 83 -2.83 3.96 7.62
C LEU D 83 -2.92 5.04 8.69
N ALA D 84 -3.60 6.13 8.33
CA ALA D 84 -3.83 7.24 9.25
C ALA D 84 -2.54 7.78 9.88
N ASN D 85 -1.43 7.69 9.16
CA ASN D 85 -0.15 8.21 9.63
C ASN D 85 0.29 7.61 10.94
N GLU D 86 -0.18 6.41 11.27
CA GLU D 86 0.02 5.87 12.62
C GLU D 86 0.12 4.34 12.64
N LEU D 87 -0.79 3.65 11.90
CA LEU D 87 -0.91 2.21 11.98
C LEU D 87 -0.10 1.56 10.85
N ASN D 88 0.90 0.72 11.24
CA ASN D 88 1.89 0.20 10.31
C ASN D 88 1.73 -1.31 10.09
N PHE D 89 1.83 -1.67 8.81
CA PHE D 89 1.90 -3.06 8.38
C PHE D 89 3.14 -3.24 7.49
N ALA D 90 3.97 -4.22 7.84
CA ALA D 90 5.06 -4.69 7.01
C ALA D 90 4.66 -6.10 6.59
N LEU D 91 4.60 -6.29 5.28
CA LEU D 91 3.99 -7.43 4.61
C LEU D 91 5.02 -8.17 3.78
N VAL D 92 5.03 -9.51 3.87
CA VAL D 92 5.94 -10.33 3.08
C VAL D 92 5.13 -11.49 2.49
N GLY D 93 5.39 -11.73 1.22
CA GLY D 93 4.98 -12.96 0.56
C GLY D 93 6.23 -13.73 0.11
N SER D 94 6.11 -15.03 -0.11
CA SER D 94 7.27 -15.82 -0.45
C SER D 94 6.84 -16.90 -1.43
N GLU D 95 7.79 -17.30 -2.32
CA GLU D 95 7.50 -18.29 -3.35
C GLU D 95 8.61 -19.34 -3.31
N ASP D 96 8.19 -20.60 -3.14
CA ASP D 96 9.09 -21.75 -3.01
C ASP D 96 9.12 -22.63 -4.27
N SER D 97 8.35 -22.27 -5.33
CA SER D 97 8.27 -23.07 -6.56
CA SER D 97 8.27 -23.07 -6.57
C SER D 97 8.07 -22.15 -7.78
N THR D 98 7.30 -22.63 -8.77
CA THR D 98 7.15 -21.93 -10.04
C THR D 98 5.77 -21.31 -10.27
N ASP D 99 4.76 -21.58 -9.43
CA ASP D 99 3.41 -21.08 -9.73
C ASP D 99 3.26 -19.60 -9.36
N ASN D 100 4.20 -19.00 -8.60
CA ASN D 100 4.18 -17.57 -8.35
C ASN D 100 2.87 -17.07 -7.71
N ASP D 101 2.37 -17.82 -6.72
CA ASP D 101 1.25 -17.35 -5.94
C ASP D 101 1.77 -16.50 -4.79
N TYR D 102 3.11 -16.61 -4.52
CA TYR D 102 3.81 -15.82 -3.48
C TYR D 102 3.11 -15.91 -2.13
N ASN D 103 2.37 -16.99 -1.88
CA ASN D 103 1.64 -17.17 -0.62
C ASN D 103 2.17 -18.34 0.19
N ASP D 104 3.32 -18.91 -0.23
CA ASP D 104 3.77 -20.16 0.36
C ASP D 104 3.99 -19.98 1.86
N ALA D 105 4.72 -18.91 2.22
CA ALA D 105 4.67 -18.33 3.56
C ALA D 105 4.30 -16.86 3.43
N VAL D 106 3.36 -16.42 4.25
CA VAL D 106 2.90 -15.04 4.30
C VAL D 106 3.20 -14.54 5.70
N VAL D 107 3.89 -13.39 5.78
CA VAL D 107 4.27 -12.83 7.07
C VAL D 107 3.70 -11.40 7.17
N VAL D 108 3.10 -11.14 8.33
CA VAL D 108 2.52 -9.83 8.64
C VAL D 108 3.18 -9.32 9.92
N ILE D 109 3.78 -8.13 9.83
CA ILE D 109 4.37 -7.39 10.96
C ILE D 109 3.47 -6.19 11.23
N ASN D 110 3.06 -6.01 12.48
CA ASN D 110 2.16 -4.90 12.82
C ASN D 110 2.70 -4.12 14.04
N TRP D 111 2.54 -2.81 13.99
CA TRP D 111 2.81 -1.93 15.10
C TRP D 111 2.08 -0.62 14.89
N PRO D 112 1.88 0.20 15.92
CA PRO D 112 2.23 -0.10 17.31
C PRO D 112 1.24 -1.07 17.95
N LEU D 113 1.66 -1.58 19.11
CA LEU D 113 0.88 -2.45 19.97
C LEU D 113 0.35 -1.68 21.19
N GLY D 114 -0.51 -2.36 21.95
CA GLY D 114 -0.98 -1.92 23.26
C GLY D 114 -2.22 -1.02 23.18
C4 A1IT5 E . -22.05 19.73 -10.48
C5 A1IT5 E . -23.10 20.39 -11.11
C6 A1IT5 E . -22.87 21.55 -11.86
C10 A1IT5 E . -27.04 22.26 -12.86
C13 A1IT5 E . -26.93 19.51 -13.07
C15 A1IT5 E . -21.57 22.04 -11.96
C20 A1IT5 E . -17.27 14.76 -9.52
C21 A1IT5 E . -17.52 13.43 -10.22
C22 A1IT5 E . -17.24 13.60 -11.72
C24 A1IT5 E . -17.74 14.99 -13.79
O1 A1IT5 E . -18.23 20.19 -9.96
S2 A1IT5 E . -19.44 19.51 -9.64
C3 A1IT5 E . -20.76 20.25 -10.59
N7 A1IT5 E . -23.55 22.58 -12.59
N8 A1IT5 E . -24.78 22.65 -12.87
C9 A1IT5 E . -25.80 21.62 -12.81
C11 A1IT5 E . -28.20 21.53 -13.03
C12 A1IT5 E . -28.15 20.15 -13.13
C14 A1IT5 E . -25.76 20.22 -12.91
C16 A1IT5 E . -20.52 21.40 -11.33
N17 A1IT5 E . -19.25 17.99 -10.13
C18 A1IT5 E . -18.26 17.14 -9.47
C19 A1IT5 E . -18.16 15.80 -10.20
C23 A1IT5 E . -18.02 14.78 -12.33
O25 A1IT5 E . -17.72 15.99 -11.58
O26 A1IT5 E . -15.83 13.76 -11.92
O27 A1IT5 E . -16.69 12.37 -9.71
O28 A1IT5 E . -17.47 14.65 -8.12
O29 A1IT5 E . -19.88 19.43 -8.27
H4 A1IT5 E . -22.23 18.92 -9.97
H5 A1IT5 E . -24.02 20.04 -11.01
H10 A1IT5 E . -27.09 23.24 -12.79
H13 A1IT5 E . -26.90 18.52 -13.14
H15 A1IT5 E . -21.40 22.85 -12.48
H20 A1IT5 E . -16.33 15.01 -9.61
H21 A1IT5 E . -18.44 13.14 -10.10
H22 A1IT5 E . -17.50 12.78 -12.20
H24C A1IT5 E . -17.25 14.21 -14.17
H24A A1IT5 E . -17.15 15.76 -13.91
H24B A1IT5 E . -18.56 15.13 -14.30
H11 A1IT5 E . -29.06 21.99 -13.06
H12 A1IT5 E . -28.98 19.64 -13.24
H14 A1IT5 E . -24.90 19.75 -12.90
H16 A1IT5 E . -19.61 21.77 -11.42
H17 A1IT5 E . -19.30 17.89 -11.08
H18A A1IT5 E . -18.52 17.00 -8.54
H18B A1IT5 E . -17.40 17.61 -9.49
H19 A1IT5 E . -19.07 15.45 -10.25
H23 A1IT5 E . -18.99 14.60 -12.25
H26 A1IT5 E . -15.71 14.50 -12.34
H27 A1IT5 E . -16.23 12.12 -10.40
H28 A1IT5 E . -17.70 13.85 -7.97
CA CA F . -17.87 11.65 0.07
CA CA G . -9.92 18.63 2.43
CA CA H . -14.30 12.40 -10.37
CA CA I . -16.36 12.56 -7.22
C4 A1IT5 J . 24.15 4.02 -14.26
C5 A1IT5 J . 24.64 2.75 -13.97
C6 A1IT5 J . 25.86 2.59 -13.31
C10 A1IT5 J . 25.32 -1.80 -11.65
C13 A1IT5 J . 28.04 -2.16 -11.22
C15 A1IT5 J . 26.59 3.72 -12.93
C20 A1IT5 J . 21.35 6.88 -9.89
C21 A1IT5 J . 21.55 7.40 -8.47
C22 A1IT5 J . 21.61 8.93 -8.52
C24 A1IT5 J . 22.61 10.99 -9.66
O1 A1IT5 J . 23.04 6.61 -14.95
S2 A1IT5 J . 24.25 6.74 -14.18
C3 A1IT5 J . 24.89 5.13 -13.87
N7 A1IT5 J . 26.43 1.36 -12.81
N8 A1IT5 J . 25.64 0.40 -12.63
C9 A1IT5 J . 26.22 -0.81 -12.05
C11 A1IT5 J . 25.79 -2.96 -11.04
C12 A1IT5 J . 27.14 -3.14 -10.82
C14 A1IT5 J . 27.59 -1.00 -11.83
C16 A1IT5 J . 26.10 4.99 -13.20
N17 A1IT5 J . 23.82 7.38 -12.78
C18 A1IT5 J . 22.66 6.77 -12.09
C19 A1IT5 J . 22.51 7.42 -10.72
C23 A1IT5 J . 22.65 9.47 -9.52
O25 A1IT5 J . 22.47 8.87 -10.82
O26 A1IT5 J . 20.32 9.41 -8.81
O27 A1IT5 J . 20.47 6.97 -7.63
O28 A1IT5 J . 21.31 5.45 -9.88
O29 A1IT5 J . 25.32 7.57 -14.68
H4 A1IT5 J . 23.30 4.10 -14.71
H5 A1IT5 J . 24.13 1.96 -14.25
H10 A1IT5 J . 24.36 -1.68 -11.81
H13 A1IT5 J . 29.00 -2.29 -11.07
H15 A1IT5 J . 27.44 3.61 -12.47
H20 A1IT5 J . 20.49 7.19 -10.26
H21 A1IT5 J . 22.38 7.06 -8.08
H22 A1IT5 J . 21.84 9.27 -7.64
H24C A1IT5 J . 21.88 11.39 -9.16
H24A A1IT5 J . 22.47 11.24 -10.59
H24B A1IT5 J . 23.45 11.38 -9.36
H11 A1IT5 J . 25.15 -3.65 -10.76
H12 A1IT5 J . 27.46 -3.96 -10.39
H14 A1IT5 J . 28.23 -0.32 -12.12
H16 A1IT5 J . 26.62 5.76 -12.92
H17 A1IT5 J . 24.49 7.68 -12.27
H18A A1IT5 J . 22.80 5.82 -12.01
H18B A1IT5 J . 21.87 6.95 -12.64
H19 A1IT5 J . 23.34 7.23 -10.24
H23 A1IT5 J . 23.54 9.24 -9.20
H26 A1IT5 J . 20.38 9.90 -9.49
H27 A1IT5 J . 20.13 7.70 -7.37
H28 A1IT5 J . 21.40 5.20 -9.07
CA CA K . 19.59 4.66 -8.13
CA CA L . 18.22 8.18 -8.03
C4 A1IT5 M . -12.40 3.51 27.03
C5 A1IT5 M . -13.26 4.50 26.58
C6 A1IT5 M . -14.22 4.22 25.60
C10 A1IT5 M . -17.58 7.09 25.23
C13 A1IT5 M . -17.10 9.40 26.69
C15 A1IT5 M . -14.29 2.92 25.08
C20 A1IT5 M . -7.60 1.77 23.78
C21 A1IT5 M . -6.20 2.34 23.84
C22 A1IT5 M . -5.31 1.45 24.70
C24 A1IT5 M . -5.14 0.15 26.90
O1 A1IT5 M . -11.53 1.01 28.58
S2 A1IT5 M . -11.45 0.95 27.15
C3 A1IT5 M . -12.50 2.22 26.50
N7 A1IT5 M . -15.27 5.20 25.29
N8 A1IT5 M . -15.39 6.15 26.16
C9 A1IT5 M . -16.43 7.17 26.02
C11 A1IT5 M . -18.48 8.16 25.17
C12 A1IT5 M . -18.23 9.30 25.91
C14 A1IT5 M . -16.19 8.34 26.74
C16 A1IT5 M . -13.43 1.93 25.52
N17 A1IT5 M . -9.94 1.33 26.75
C18 A1IT5 M . -9.50 1.13 25.37
C19 A1IT5 M . -8.10 1.64 25.22
C23 A1IT5 M . -5.91 1.17 26.08
O25 A1IT5 M . -7.27 0.70 25.93
O26 A1IT5 M . -4.99 0.24 23.98
O27 A1IT5 M . -5.62 2.46 22.56
O28 A1IT5 M . -8.48 2.57 22.97
O29 A1IT5 M . -11.78 -0.27 26.46
H4 A1IT5 M . -11.74 3.72 27.72
H5 A1IT5 M . -13.20 5.40 26.95
H10 A1IT5 M . -17.76 6.28 24.71
H13 A1IT5 M . -16.92 10.21 27.20
H15 A1IT5 M . -14.96 2.71 24.39
H20 A1IT5 M . -7.58 0.89 23.35
H21 A1IT5 M . -6.20 3.24 24.23
H22 A1IT5 M . -4.45 1.91 24.84
H24C A1IT5 M . -4.29 -0.06 26.49
H24A A1IT5 M . -5.64 -0.69 26.96
H24B A1IT5 M . -4.98 0.48 27.81
H11 A1IT5 M . -19.28 8.09 24.63
H12 A1IT5 M . -18.87 10.06 25.87
H14 A1IT5 M . -15.40 8.42 27.30
H16 A1IT5 M . -13.50 1.03 25.15
H17 A1IT5 M . -9.34 1.18 27.40
H18A A1IT5 M . -10.11 1.61 24.77
H18B A1IT5 M . -9.55 0.18 25.17
H19 A1IT5 M . -8.02 2.50 25.67
H23 A1IT5 M . -5.95 2.00 26.60
H26 A1IT5 M . -5.21 -0.41 24.47
H27 A1IT5 M . -4.91 2.00 22.60
H28 A1IT5 M . -8.03 3.22 22.68
CA CA N . -7.31 3.15 20.77
CA CA O . -4.85 0.36 21.43
C4 A1IT5 P . 6.67 -30.91 -2.25
C5 A1IT5 P . 6.25 -32.23 -2.32
C6 A1IT5 P . 5.62 -32.69 -3.48
C10 A1IT5 P . 5.48 -36.79 -1.69
C13 A1IT5 P . 3.66 -37.86 -3.47
C15 A1IT5 P . 5.42 -31.83 -4.54
C20 A1IT5 P . 3.55 -24.21 -3.78
C21 A1IT5 P . 2.24 -23.96 -4.53
C22 A1IT5 P . 1.11 -24.78 -3.88
C24 A1IT5 P . 0.48 -27.08 -2.95
O1 A1IT5 P . 7.29 -28.10 -1.83
S2 A1IT5 P . 6.82 -28.35 -3.15
C3 A1IT5 P . 6.46 -30.06 -3.31
N7 A1IT5 P . 5.12 -34.00 -3.62
N8 A1IT5 P . 5.41 -34.67 -2.63
C9 A1IT5 P . 4.93 -35.98 -2.68
C11 A1IT5 P . 5.12 -38.11 -1.59
C12 A1IT5 P . 4.21 -38.65 -2.48
C14 A1IT5 P . 4.01 -36.54 -3.58
C16 A1IT5 P . 5.83 -30.51 -4.48
N17 A1IT5 P . 5.40 -27.59 -3.31
C18 A1IT5 P . 5.23 -26.12 -3.31
C19 A1IT5 P . 3.84 -25.72 -3.75
C23 A1IT5 P . 1.50 -26.25 -3.71
O25 A1IT5 P . 2.77 -26.37 -3.02
O26 A1IT5 P . 0.71 -24.23 -2.62
O27 A1IT5 P . 1.90 -22.55 -4.54
O28 A1IT5 P . 4.60 -23.44 -4.36
O29 A1IT5 P . 7.62 -27.95 -4.28
H4 A1IT5 P . 7.11 -30.60 -1.42
H5 A1IT5 P . 6.41 -32.84 -1.59
H10 A1IT5 P . 6.13 -36.41 -1.06
H13 A1IT5 P . 3.02 -38.25 -4.10
H15 A1IT5 P . 4.98 -32.15 -5.36
H20 A1IT5 P . 3.47 -23.89 -2.87
H21 A1IT5 P . 2.32 -24.23 -5.47
H22 A1IT5 P . 0.32 -24.74 -4.46
H24C A1IT5 P . -0.26 -26.53 -2.60
H24A A1IT5 P . 0.90 -27.52 -2.19
H24B A1IT5 P . 0.10 -27.78 -3.53
H11 A1IT5 P . 5.52 -38.66 -0.90
H12 A1IT5 P . 4.00 -39.59 -2.41
H14 A1IT5 P . 3.62 -35.98 -4.28
H16 A1IT5 P . 5.69 -29.91 -5.23
H17 A1IT5 P . 4.75 -28.07 -3.67
H18A A1IT5 P . 5.89 -25.74 -3.91
H18B A1IT5 P . 5.40 -25.80 -2.40
H19 A1IT5 P . 3.73 -26.05 -4.67
H23 A1IT5 P . 1.60 -26.67 -4.59
H26 A1IT5 P . 0.79 -24.84 -2.03
H27 A1IT5 P . 1.14 -22.53 -4.16
H28 A1IT5 P . 4.27 -23.00 -5.01
CA CA Q . 1.00 -21.68 -2.41
CA CA R . 3.95 -21.07 -4.68
#